data_5L4Y
#
_entry.id   5L4Y
#
_cell.length_a   63.230
_cell.length_b   68.660
_cell.length_c   96.170
_cell.angle_alpha   90.00
_cell.angle_beta   90.00
_cell.angle_gamma   90.00
#
_symmetry.space_group_name_H-M   'P 21 21 21'
#
loop_
_entity.id
_entity.type
_entity.pdbx_description
1 polymer 'Protein FimH'
2 non-polymer 'heptyl 4-deoxy-4-fluoro-alpha-D-mannopyranoside'
3 water water
#
_entity_poly.entity_id   1
_entity_poly.type   'polypeptide(L)'
_entity_poly.pdbx_seq_one_letter_code
;FACKTANGTAIPIGGGSANVYVNLAPVVNVGQNLVVDLSTQIFCHNDYPETITDYVTLQRGSAYGGVLSNFSGTVKYSGS
SYPFPTTSETPRVVYNSRTDKPWPVALYLTPVSSAGGVAIKAGSLIAVLILRQTNNYNSDDFQFVWNIYANNDVVVPT
;
_entity_poly.pdbx_strand_id   A,B
#
# COMPACT_ATOMS: atom_id res chain seq x y z
N PHE A 1 -7.45 9.36 22.30
CA PHE A 1 -6.50 9.08 21.20
C PHE A 1 -5.07 9.03 21.73
N ALA A 2 -4.33 7.98 21.37
CA ALA A 2 -2.92 7.82 21.74
C ALA A 2 -2.23 6.94 20.71
N CYS A 3 -0.90 6.93 20.73
CA CYS A 3 -0.10 6.24 19.75
C CYS A 3 1.00 5.45 20.44
N LYS A 4 1.55 4.46 19.72
CA LYS A 4 2.64 3.66 20.23
C LYS A 4 3.55 3.21 19.10
N THR A 5 4.80 2.86 19.43
CA THR A 5 5.74 2.34 18.42
C THR A 5 5.68 0.82 18.45
N ALA A 6 6.26 0.18 17.43
CA ALA A 6 6.38 -1.27 17.29
C ALA A 6 7.01 -1.94 18.53
N ASN A 7 7.94 -1.23 19.22
CA ASN A 7 8.57 -1.75 20.45
C ASN A 7 7.78 -1.46 21.75
N GLY A 8 6.65 -0.77 21.62
CA GLY A 8 5.77 -0.47 22.74
C GLY A 8 5.88 0.90 23.37
N THR A 9 6.82 1.76 22.89
CA THR A 9 7.01 3.13 23.39
C THR A 9 5.75 3.94 23.05
N ALA A 10 5.08 4.45 24.08
CA ALA A 10 3.82 5.15 23.89
C ALA A 10 3.87 6.65 24.03
N ILE A 11 2.95 7.32 23.34
CA ILE A 11 2.71 8.75 23.50
C ILE A 11 1.25 8.77 23.94
N PRO A 12 0.95 9.22 25.17
CA PRO A 12 -0.44 9.16 25.66
C PRO A 12 -1.37 10.26 25.15
N ILE A 13 -2.63 10.22 25.60
CA ILE A 13 -3.64 11.26 25.37
C ILE A 13 -2.96 12.61 25.70
N GLY A 14 -3.11 13.57 24.79
CA GLY A 14 -2.53 14.90 25.00
C GLY A 14 -1.26 15.16 24.20
N GLY A 15 -0.70 14.10 23.65
CA GLY A 15 0.50 14.17 22.84
C GLY A 15 1.78 14.12 23.63
N GLY A 16 2.86 14.43 22.94
CA GLY A 16 4.21 14.37 23.46
C GLY A 16 5.15 13.91 22.36
N SER A 17 6.25 13.26 22.73
CA SER A 17 7.24 12.83 21.76
C SER A 17 7.80 11.44 22.06
N ALA A 18 8.34 10.77 21.01
CA ALA A 18 8.95 9.45 21.14
C ALA A 18 9.97 9.27 20.01
N ASN A 19 10.99 8.45 20.28
CA ASN A 19 12.03 8.10 19.32
C ASN A 19 11.65 6.82 18.60
N VAL A 20 11.91 6.77 17.29
CA VAL A 20 11.64 5.62 16.42
C VAL A 20 12.97 5.24 15.75
N TYR A 21 13.47 4.03 16.01
CA TYR A 21 14.73 3.52 15.47
C TYR A 21 14.38 2.60 14.32
N VAL A 22 14.87 2.96 13.12
CA VAL A 22 14.52 2.22 11.91
C VAL A 22 15.71 1.57 11.22
N ASN A 23 15.48 0.36 10.70
CA ASN A 23 16.50 -0.35 9.91
C ASN A 23 16.35 0.15 8.49
N LEU A 24 17.48 0.45 7.83
CA LEU A 24 17.47 0.99 6.47
C LEU A 24 18.22 0.09 5.53
N ALA A 25 17.82 0.05 4.24
CA ALA A 25 18.53 -0.73 3.22
C ALA A 25 20.00 -0.26 3.25
N PRO A 26 20.98 -1.19 3.41
CA PRO A 26 22.38 -0.76 3.58
C PRO A 26 23.05 -0.13 2.36
N VAL A 27 22.52 -0.44 1.17
CA VAL A 27 23.04 0.02 -0.13
C VAL A 27 21.89 0.59 -0.95
N VAL A 28 22.04 1.85 -1.37
CA VAL A 28 21.04 2.53 -2.19
C VAL A 28 21.74 3.20 -3.34
N ASN A 29 21.45 2.79 -4.56
CA ASN A 29 22.09 3.40 -5.73
C ASN A 29 21.38 4.68 -6.14
N VAL A 30 22.12 5.57 -6.84
CA VAL A 30 21.51 6.76 -7.45
C VAL A 30 20.47 6.17 -8.44
N GLY A 31 19.26 6.72 -8.45
CA GLY A 31 18.19 6.22 -9.31
C GLY A 31 17.27 5.23 -8.61
N GLN A 32 17.59 4.85 -7.36
CA GLN A 32 16.77 3.94 -6.55
C GLN A 32 16.20 4.70 -5.35
N ASN A 33 15.12 4.17 -4.76
CA ASN A 33 14.51 4.75 -3.57
C ASN A 33 14.89 4.00 -2.32
N LEU A 34 15.18 4.76 -1.26
CA LEU A 34 15.36 4.25 0.09
C LEU A 34 13.95 4.49 0.67
N VAL A 35 13.28 3.42 1.07
CA VAL A 35 11.91 3.54 1.58
C VAL A 35 11.93 3.38 3.10
N VAL A 36 11.39 4.37 3.82
CA VAL A 36 11.28 4.35 5.28
C VAL A 36 9.77 4.27 5.58
N ASP A 37 9.24 3.06 5.73
CA ASP A 37 7.82 2.84 5.97
C ASP A 37 7.45 2.91 7.45
N LEU A 38 6.93 4.06 7.89
CA LEU A 38 6.54 4.28 9.29
C LEU A 38 5.24 3.58 9.68
N SER A 39 4.46 3.06 8.68
CA SER A 39 3.22 2.35 8.93
CA SER A 39 3.22 2.32 8.91
C SER A 39 3.43 1.02 9.68
N THR A 40 4.67 0.50 9.67
CA THR A 40 4.99 -0.74 10.40
C THR A 40 5.57 -0.37 11.78
N GLN A 41 5.76 0.93 12.01
CA GLN A 41 6.41 1.44 13.22
C GLN A 41 5.51 2.21 14.18
N ILE A 42 4.52 2.95 13.65
CA ILE A 42 3.66 3.85 14.44
C ILE A 42 2.19 3.43 14.30
N PHE A 43 1.49 3.24 15.45
CA PHE A 43 0.11 2.77 15.49
C PHE A 43 -0.71 3.65 16.42
N CYS A 44 -1.93 4.01 16.00
CA CYS A 44 -2.78 4.87 16.81
C CYS A 44 -4.19 4.32 16.95
N HIS A 45 -4.98 4.87 17.90
CA HIS A 45 -6.34 4.40 18.07
C HIS A 45 -7.19 5.50 18.71
N ASN A 46 -8.52 5.40 18.54
CA ASN A 46 -9.49 6.32 19.10
C ASN A 46 -9.96 5.72 20.44
N ASP A 47 -9.97 6.49 21.54
CA ASP A 47 -10.38 6.03 22.87
C ASP A 47 -11.87 6.06 23.15
N TYR A 48 -12.65 6.73 22.30
CA TYR A 48 -14.10 6.86 22.52
C TYR A 48 -14.82 6.89 21.18
N PRO A 49 -14.70 5.81 20.34
CA PRO A 49 -15.34 5.84 19.00
C PRO A 49 -16.86 5.86 18.98
N GLU A 50 -17.49 5.55 20.12
CA GLU A 50 -18.95 5.56 20.30
C GLU A 50 -19.52 6.98 20.09
N THR A 51 -18.71 8.01 20.39
CA THR A 51 -19.12 9.41 20.35
C THR A 51 -18.18 10.31 19.56
N ILE A 52 -16.87 10.00 19.57
CA ILE A 52 -15.86 10.85 18.93
C ILE A 52 -15.21 10.30 17.67
N THR A 53 -14.95 11.20 16.72
CA THR A 53 -14.15 10.90 15.54
C THR A 53 -12.88 11.71 15.72
N ASP A 54 -11.70 11.04 15.62
CA ASP A 54 -10.40 11.71 15.67
C ASP A 54 -9.92 12.02 14.24
N TYR A 55 -9.31 13.19 14.06
CA TYR A 55 -8.78 13.64 12.77
C TYR A 55 -7.26 13.72 12.89
N VAL A 56 -6.55 13.02 11.99
CA VAL A 56 -5.11 12.91 12.08
C VAL A 56 -4.40 13.34 10.79
N THR A 57 -3.43 14.26 10.91
CA THR A 57 -2.67 14.70 9.74
C THR A 57 -1.19 14.56 10.00
N LEU A 58 -0.41 14.64 8.93
CA LEU A 58 1.04 14.78 9.04
C LEU A 58 1.14 16.31 8.95
N GLN A 59 1.31 16.99 10.09
CA GLN A 59 1.36 18.45 10.11
C GLN A 59 2.66 18.96 9.50
N ARG A 60 3.75 18.27 9.81
CA ARG A 60 5.08 18.64 9.29
C ARG A 60 5.99 17.42 9.31
N GLY A 61 6.88 17.37 8.32
CA GLY A 61 7.93 16.37 8.17
C GLY A 61 9.22 17.10 7.82
N SER A 62 10.24 17.03 8.70
CA SER A 62 11.52 17.71 8.52
C SER A 62 12.63 16.67 8.33
N ALA A 63 13.64 16.99 7.51
CA ALA A 63 14.77 16.09 7.22
C ALA A 63 16.01 16.58 7.96
N TYR A 64 16.85 15.62 8.41
CA TYR A 64 18.06 15.90 9.18
C TYR A 64 19.24 15.09 8.69
N GLY A 65 20.44 15.50 9.11
CA GLY A 65 21.69 14.83 8.82
C GLY A 65 21.86 14.44 7.38
N GLY A 66 22.11 13.16 7.16
CA GLY A 66 22.37 12.62 5.82
C GLY A 66 21.18 12.66 4.87
N VAL A 67 19.95 12.56 5.41
CA VAL A 67 18.73 12.62 4.59
C VAL A 67 18.58 14.04 3.99
N LEU A 68 18.80 15.08 4.81
CA LEU A 68 18.76 16.47 4.40
C LEU A 68 19.87 16.78 3.35
N SER A 69 21.09 16.29 3.58
CA SER A 69 22.25 16.53 2.71
C SER A 69 22.28 15.73 1.41
N ASN A 70 21.94 14.43 1.49
CA ASN A 70 22.14 13.49 0.38
C ASN A 70 20.95 12.93 -0.35
N PHE A 71 19.73 13.30 0.04
CA PHE A 71 18.56 12.72 -0.59
C PHE A 71 17.54 13.75 -1.03
N SER A 72 16.77 13.36 -2.06
CA SER A 72 15.63 14.10 -2.60
C SER A 72 14.43 13.28 -2.13
N GLY A 73 13.59 13.87 -1.30
CA GLY A 73 12.48 13.15 -0.68
C GLY A 73 11.07 13.41 -1.12
N THR A 74 10.24 12.41 -0.87
CA THR A 74 8.80 12.43 -1.09
C THR A 74 8.20 11.74 0.13
N VAL A 75 7.07 12.25 0.61
CA VAL A 75 6.35 11.59 1.70
C VAL A 75 5.02 11.11 1.15
N LYS A 76 4.69 9.83 1.39
CA LYS A 76 3.42 9.25 1.00
C LYS A 76 2.55 9.17 2.25
N TYR A 77 1.42 9.88 2.25
CA TYR A 77 0.48 9.89 3.38
C TYR A 77 -0.87 9.40 2.92
N SER A 78 -1.31 8.27 3.46
CA SER A 78 -2.60 7.67 3.12
C SER A 78 -2.87 7.56 1.58
N GLY A 79 -1.85 7.13 0.83
CA GLY A 79 -1.95 6.93 -0.61
C GLY A 79 -1.69 8.13 -1.52
N SER A 80 -1.34 9.31 -0.94
CA SER A 80 -1.03 10.51 -1.74
C SER A 80 0.40 10.96 -1.46
N SER A 81 1.10 11.42 -2.51
CA SER A 81 2.50 11.84 -2.43
C SER A 81 2.68 13.34 -2.32
N TYR A 82 3.65 13.75 -1.48
CA TYR A 82 3.93 15.17 -1.26
C TYR A 82 5.44 15.39 -1.14
N PRO A 83 5.96 16.63 -1.31
CA PRO A 83 7.38 16.85 -1.09
C PRO A 83 7.76 16.59 0.38
N PHE A 84 8.98 16.12 0.59
CA PHE A 84 9.56 15.89 1.90
C PHE A 84 11.00 16.42 1.84
N PRO A 85 11.43 17.38 2.72
CA PRO A 85 10.66 18.10 3.77
C PRO A 85 9.37 18.71 3.22
N THR A 86 8.34 18.71 4.06
CA THR A 86 6.98 19.11 3.75
C THR A 86 6.79 20.60 3.55
N THR A 87 5.80 20.95 2.72
CA THR A 87 5.47 22.33 2.39
C THR A 87 4.07 22.75 2.86
N SER A 88 3.27 21.79 3.36
CA SER A 88 1.93 22.04 3.91
C SER A 88 1.46 20.85 4.72
N GLU A 89 0.47 21.08 5.60
CA GLU A 89 -0.18 20.04 6.38
C GLU A 89 -0.99 19.18 5.41
N THR A 90 -0.95 17.86 5.59
CA THR A 90 -1.67 16.95 4.70
C THR A 90 -3.18 16.98 4.98
N PRO A 91 -4.05 16.38 4.11
CA PRO A 91 -5.43 16.17 4.50
C PRO A 91 -5.48 15.20 5.71
N ARG A 92 -6.64 15.06 6.28
CA ARG A 92 -6.82 14.22 7.46
C ARG A 92 -7.07 12.75 7.16
N VAL A 93 -6.68 11.90 8.11
CA VAL A 93 -7.01 10.48 8.16
C VAL A 93 -7.93 10.38 9.39
N VAL A 94 -9.07 9.72 9.22
CA VAL A 94 -10.05 9.53 10.29
C VAL A 94 -9.65 8.31 11.11
N TYR A 95 -9.65 8.45 12.44
CA TYR A 95 -9.45 7.37 13.40
C TYR A 95 -10.79 7.22 14.11
N ASN A 96 -11.49 6.12 13.85
CA ASN A 96 -12.83 5.86 14.36
C ASN A 96 -12.96 4.50 15.02
N SER A 97 -11.82 3.93 15.46
CA SER A 97 -11.82 2.63 16.11
C SER A 97 -10.84 2.58 17.27
N ARG A 98 -11.17 1.74 18.27
CA ARG A 98 -10.35 1.46 19.43
C ARG A 98 -9.21 0.49 19.03
N THR A 99 -9.38 -0.24 17.90
CA THR A 99 -8.37 -1.15 17.37
C THR A 99 -7.22 -0.32 16.76
N ASP A 100 -5.96 -0.66 17.13
CA ASP A 100 -4.76 0.00 16.57
C ASP A 100 -4.78 -0.03 15.05
N LYS A 101 -4.57 1.14 14.46
CA LYS A 101 -4.45 1.32 13.03
C LYS A 101 -3.08 1.98 12.80
N PRO A 102 -2.29 1.47 11.83
CA PRO A 102 -1.00 2.10 11.53
C PRO A 102 -1.17 3.56 11.09
N TRP A 103 -0.16 4.39 11.40
CA TRP A 103 -0.15 5.78 10.95
C TRP A 103 0.41 5.69 9.51
N PRO A 104 -0.38 6.00 8.46
CA PRO A 104 0.04 5.66 7.08
C PRO A 104 1.05 6.60 6.43
N VAL A 105 2.26 6.70 7.02
CA VAL A 105 3.36 7.56 6.57
C VAL A 105 4.53 6.71 6.04
N ALA A 106 5.02 7.02 4.85
CA ALA A 106 6.20 6.37 4.26
C ALA A 106 7.06 7.45 3.59
N LEU A 107 8.38 7.39 3.81
CA LEU A 107 9.32 8.31 3.15
C LEU A 107 9.94 7.59 1.97
N TYR A 108 10.05 8.27 0.82
CA TYR A 108 10.68 7.77 -0.43
C TYR A 108 11.81 8.71 -0.72
N LEU A 109 13.04 8.24 -0.45
CA LEU A 109 14.27 9.02 -0.52
C LEU A 109 15.20 8.51 -1.59
N THR A 110 15.48 9.35 -2.58
CA THR A 110 16.38 8.96 -3.68
C THR A 110 17.70 9.78 -3.59
N PRO A 111 18.89 9.14 -3.76
CA PRO A 111 20.13 9.92 -3.66
C PRO A 111 20.24 11.04 -4.67
N VAL A 112 20.75 12.20 -4.21
CA VAL A 112 21.03 13.33 -5.08
C VAL A 112 22.34 12.97 -5.82
N SER A 113 22.63 13.63 -6.94
CA SER A 113 23.81 13.32 -7.75
C SER A 113 25.16 13.42 -7.01
N SER A 114 25.26 14.34 -6.05
CA SER A 114 26.47 14.54 -5.24
C SER A 114 26.62 13.46 -4.15
N ALA A 115 25.57 12.65 -3.88
CA ALA A 115 25.67 11.60 -2.85
C ALA A 115 26.64 10.48 -3.29
N GLY A 116 27.33 9.93 -2.33
CA GLY A 116 28.31 8.88 -2.58
C GLY A 116 29.02 8.60 -1.30
N GLY A 117 29.16 7.32 -0.99
CA GLY A 117 29.78 6.90 0.24
C GLY A 117 28.75 6.74 1.34
N VAL A 118 29.13 6.99 2.60
CA VAL A 118 28.22 6.90 3.75
C VAL A 118 27.29 8.10 3.73
N ALA A 119 26.09 7.91 3.12
CA ALA A 119 25.09 8.95 2.94
C ALA A 119 24.22 9.17 4.17
N ILE A 120 24.09 8.15 5.03
CA ILE A 120 23.34 8.21 6.32
C ILE A 120 24.21 7.49 7.34
N LYS A 121 24.51 8.14 8.48
CA LYS A 121 25.31 7.53 9.53
C LYS A 121 24.44 6.79 10.55
N ALA A 122 24.91 5.59 11.00
CA ALA A 122 24.22 4.80 12.01
C ALA A 122 24.01 5.63 13.29
N GLY A 123 22.80 5.59 13.83
CA GLY A 123 22.44 6.31 15.04
C GLY A 123 22.06 7.76 14.86
N SER A 124 22.15 8.32 13.64
CA SER A 124 21.82 9.72 13.42
C SER A 124 20.33 9.97 13.29
N LEU A 125 19.91 11.20 13.64
CA LEU A 125 18.54 11.66 13.44
C LEU A 125 18.36 11.85 11.93
N ILE A 126 17.32 11.25 11.34
CA ILE A 126 17.08 11.37 9.89
C ILE A 126 15.82 12.21 9.59
N ALA A 127 14.83 12.16 10.50
CA ALA A 127 13.57 12.86 10.27
C ALA A 127 12.84 13.13 11.57
N VAL A 128 12.00 14.18 11.55
CA VAL A 128 11.09 14.51 12.64
C VAL A 128 9.73 14.66 11.97
N LEU A 129 8.77 13.82 12.39
CA LEU A 129 7.44 13.82 11.81
C LEU A 129 6.43 14.23 12.85
N ILE A 130 5.63 15.25 12.53
CA ILE A 130 4.62 15.75 13.45
C ILE A 130 3.26 15.21 13.09
N LEU A 131 2.71 14.37 13.98
CA LEU A 131 1.35 13.88 13.84
C LEU A 131 0.48 14.88 14.60
N ARG A 132 -0.52 15.47 13.93
CA ARG A 132 -1.45 16.43 14.59
C ARG A 132 -2.82 15.77 14.71
N GLN A 133 -3.35 15.74 15.94
CA GLN A 133 -4.65 15.13 16.20
C GLN A 133 -5.65 16.15 16.73
N THR A 134 -6.82 16.20 16.06
CA THR A 134 -7.97 17.01 16.49
C THR A 134 -9.16 16.04 16.51
N ASN A 135 -10.37 16.56 16.81
CA ASN A 135 -11.55 15.74 16.86
C ASN A 135 -12.82 16.56 16.54
N ASN A 136 -14.00 15.91 16.55
CA ASN A 136 -15.30 16.55 16.30
C ASN A 136 -16.05 16.70 17.64
N TYR A 137 -15.32 16.72 18.76
CA TYR A 137 -15.92 16.71 20.09
C TYR A 137 -15.62 17.95 20.94
N ASN A 138 -14.34 18.33 21.04
CA ASN A 138 -13.91 19.47 21.85
C ASN A 138 -12.82 20.26 21.12
N SER A 139 -12.08 21.12 21.86
CA SER A 139 -11.03 21.99 21.30
CA SER A 139 -11.03 21.98 21.31
C SER A 139 -9.63 21.36 21.26
N ASP A 140 -9.49 20.07 21.66
CA ASP A 140 -8.19 19.36 21.64
C ASP A 140 -7.47 19.48 20.32
N ASP A 141 -6.19 19.83 20.39
CA ASP A 141 -5.33 20.01 19.24
C ASP A 141 -3.93 19.63 19.73
N PHE A 142 -3.58 18.36 19.55
CA PHE A 142 -2.36 17.78 20.10
C PHE A 142 -1.34 17.37 19.06
N GLN A 143 -0.06 17.44 19.45
CA GLN A 143 1.04 17.04 18.58
C GLN A 143 1.75 15.81 19.14
N PHE A 144 1.89 14.79 18.28
CA PHE A 144 2.59 13.54 18.59
C PHE A 144 3.84 13.63 17.73
N VAL A 145 4.98 13.89 18.36
CA VAL A 145 6.26 14.15 17.68
C VAL A 145 7.11 12.90 17.60
N TRP A 146 7.38 12.44 16.37
CA TRP A 146 8.14 11.22 16.13
C TRP A 146 9.53 11.56 15.62
N ASN A 147 10.56 11.29 16.46
CA ASN A 147 11.96 11.52 16.17
C ASN A 147 12.51 10.23 15.57
N ILE A 148 12.80 10.25 14.24
CA ILE A 148 13.23 9.09 13.50
C ILE A 148 14.76 8.99 13.41
N TYR A 149 15.29 7.84 13.88
CA TYR A 149 16.72 7.58 13.90
C TYR A 149 17.10 6.39 13.05
N ALA A 150 18.25 6.48 12.37
CA ALA A 150 18.80 5.38 11.57
C ALA A 150 19.44 4.34 12.47
N ASN A 151 19.16 3.04 12.25
CA ASN A 151 19.82 1.98 13.02
C ASN A 151 21.17 1.59 12.44
N ASN A 152 21.39 1.91 11.16
CA ASN A 152 22.59 1.52 10.44
C ASN A 152 23.03 2.57 9.44
N ASP A 153 24.26 2.40 8.94
CA ASP A 153 24.83 3.22 7.89
C ASP A 153 24.10 2.89 6.58
N VAL A 154 23.99 3.88 5.67
CA VAL A 154 23.44 3.67 4.34
C VAL A 154 24.55 4.13 3.38
N VAL A 155 24.98 3.23 2.50
CA VAL A 155 26.04 3.52 1.53
C VAL A 155 25.40 3.76 0.16
N VAL A 156 25.82 4.83 -0.51
CA VAL A 156 25.42 5.11 -1.88
C VAL A 156 26.67 4.79 -2.72
N PRO A 157 26.66 3.70 -3.54
CA PRO A 157 27.86 3.35 -4.32
C PRO A 157 28.32 4.45 -5.28
N THR A 158 29.64 4.52 -5.49
CA THR A 158 30.26 5.50 -6.39
C THR A 158 30.76 4.81 -7.66
N PHE B 1 -18.84 -4.06 3.83
CA PHE B 1 -17.74 -4.20 2.89
C PHE B 1 -18.28 -4.35 1.46
N ALA B 2 -17.73 -3.57 0.52
CA ALA B 2 -18.08 -3.63 -0.89
C ALA B 2 -16.92 -3.11 -1.73
N CYS B 3 -16.95 -3.38 -3.02
CA CYS B 3 -15.86 -3.05 -3.92
C CYS B 3 -16.38 -2.38 -5.17
N LYS B 4 -15.50 -1.68 -5.88
CA LYS B 4 -15.85 -1.03 -7.14
C LYS B 4 -14.65 -0.98 -8.08
N THR B 5 -14.92 -0.83 -9.37
CA THR B 5 -13.84 -0.70 -10.35
C THR B 5 -13.59 0.79 -10.58
N ALA B 6 -12.47 1.10 -11.25
CA ALA B 6 -12.05 2.46 -11.63
C ALA B 6 -13.16 3.21 -12.41
N ASN B 7 -13.98 2.47 -13.21
CA ASN B 7 -15.10 3.08 -13.96
C ASN B 7 -16.41 3.18 -13.16
N GLY B 8 -16.41 2.71 -11.92
CA GLY B 8 -17.57 2.80 -11.04
C GLY B 8 -18.45 1.57 -10.91
N THR B 9 -18.14 0.48 -11.66
CA THR B 9 -18.87 -0.80 -11.59
C THR B 9 -18.69 -1.39 -10.18
N ALA B 10 -19.80 -1.59 -9.47
CA ALA B 10 -19.74 -2.03 -8.09
C ALA B 10 -20.17 -3.46 -7.85
N ILE B 11 -19.61 -4.05 -6.79
CA ILE B 11 -20.04 -5.35 -6.26
C ILE B 11 -20.45 -5.00 -4.84
N PRO B 12 -21.75 -5.13 -4.48
CA PRO B 12 -22.20 -4.69 -3.15
C PRO B 12 -21.90 -5.66 -2.00
N ILE B 13 -22.33 -5.28 -0.77
CA ILE B 13 -22.27 -6.12 0.43
C ILE B 13 -22.82 -7.49 0.03
N GLY B 14 -22.12 -8.56 0.41
CA GLY B 14 -22.56 -9.93 0.12
C GLY B 14 -21.84 -10.58 -1.05
N GLY B 15 -21.13 -9.77 -1.81
CA GLY B 15 -20.36 -10.23 -2.95
C GLY B 15 -21.13 -10.30 -4.24
N GLY B 16 -20.51 -10.94 -5.22
CA GLY B 16 -21.03 -11.06 -6.58
C GLY B 16 -19.88 -11.00 -7.56
N SER B 17 -20.14 -10.53 -8.79
CA SER B 17 -19.10 -10.48 -9.83
C SER B 17 -19.15 -9.20 -10.66
N ALA B 18 -18.01 -8.86 -11.28
CA ALA B 18 -17.89 -7.69 -12.15
C ALA B 18 -16.76 -7.93 -13.15
N ASN B 19 -16.88 -7.29 -14.32
CA ASN B 19 -15.87 -7.34 -15.39
C ASN B 19 -14.92 -6.17 -15.26
N VAL B 20 -13.63 -6.41 -15.48
CA VAL B 20 -12.57 -5.41 -15.41
C VAL B 20 -11.84 -5.44 -16.78
N TYR B 21 -11.87 -4.32 -17.52
CA TYR B 21 -11.26 -4.18 -18.84
C TYR B 21 -9.96 -3.45 -18.65
N VAL B 22 -8.85 -4.11 -19.02
CA VAL B 22 -7.52 -3.56 -18.79
C VAL B 22 -6.74 -3.29 -20.07
N ASN B 23 -5.98 -2.19 -20.08
CA ASN B 23 -5.09 -1.84 -21.19
C ASN B 23 -3.79 -2.56 -20.91
N LEU B 24 -3.21 -3.20 -21.93
CA LEU B 24 -1.98 -3.96 -21.76
C LEU B 24 -0.89 -3.41 -22.65
N ALA B 25 0.39 -3.55 -22.22
CA ALA B 25 1.55 -3.14 -23.02
C ALA B 25 1.41 -3.87 -24.38
N PRO B 26 1.42 -3.15 -25.53
CA PRO B 26 1.16 -3.82 -26.82
C PRO B 26 2.24 -4.78 -27.31
N VAL B 27 3.47 -4.61 -26.80
CA VAL B 27 4.64 -5.40 -27.18
C VAL B 27 5.36 -5.87 -25.92
N VAL B 28 5.53 -7.18 -25.81
CA VAL B 28 6.23 -7.79 -24.66
C VAL B 28 7.23 -8.80 -25.19
N ASN B 29 8.51 -8.57 -24.95
CA ASN B 29 9.53 -9.51 -25.42
C ASN B 29 9.69 -10.68 -24.46
N VAL B 30 10.21 -11.81 -24.99
CA VAL B 30 10.58 -12.94 -24.15
C VAL B 30 11.69 -12.36 -23.21
N GLY B 31 11.59 -12.65 -21.92
CA GLY B 31 12.53 -12.13 -20.93
C GLY B 31 12.03 -10.86 -20.24
N GLN B 32 10.87 -10.33 -20.69
CA GLN B 32 10.26 -9.13 -20.08
C GLN B 32 8.95 -9.52 -19.40
N ASN B 33 8.48 -8.68 -18.47
CA ASN B 33 7.21 -8.90 -17.81
C ASN B 33 6.11 -8.01 -18.38
N LEU B 34 4.94 -8.61 -18.55
CA LEU B 34 3.70 -7.89 -18.86
C LEU B 34 3.10 -7.73 -17.46
N VAL B 35 2.91 -6.50 -17.02
CA VAL B 35 2.39 -6.25 -15.68
C VAL B 35 0.94 -5.81 -15.78
N VAL B 36 0.05 -6.53 -15.09
CA VAL B 36 -1.38 -6.22 -15.02
C VAL B 36 -1.63 -5.78 -13.56
N ASP B 37 -1.57 -4.46 -13.30
CA ASP B 37 -1.73 -3.93 -11.96
C ASP B 37 -3.20 -3.63 -11.63
N LEU B 38 -3.84 -4.56 -10.90
CA LEU B 38 -5.25 -4.43 -10.51
C LEU B 38 -5.48 -3.41 -9.39
N SER B 39 -4.40 -2.95 -8.71
CA SER B 39 -4.49 -1.96 -7.63
CA SER B 39 -4.46 -1.94 -7.63
C SER B 39 -4.97 -0.58 -8.12
N THR B 40 -4.89 -0.33 -9.45
CA THR B 40 -5.37 0.93 -10.04
C THR B 40 -6.81 0.71 -10.56
N GLN B 41 -7.29 -0.53 -10.47
CA GLN B 41 -8.58 -0.92 -11.04
C GLN B 41 -9.64 -1.31 -10.02
N ILE B 42 -9.25 -1.93 -8.90
CA ILE B 42 -10.19 -2.48 -7.90
C ILE B 42 -9.96 -1.83 -6.55
N PHE B 43 -11.04 -1.27 -5.97
CA PHE B 43 -11.01 -0.53 -4.72
C PHE B 43 -12.08 -1.08 -3.80
N CYS B 44 -11.77 -1.26 -2.53
CA CYS B 44 -12.71 -1.78 -1.54
C CYS B 44 -12.72 -0.92 -0.27
N HIS B 45 -13.75 -1.07 0.58
CA HIS B 45 -13.84 -0.29 1.81
C HIS B 45 -14.64 -1.06 2.86
N ASN B 46 -14.44 -0.70 4.13
CA ASN B 46 -15.14 -1.28 5.26
C ASN B 46 -16.35 -0.36 5.57
N ASP B 47 -17.55 -0.92 5.72
CA ASP B 47 -18.78 -0.15 5.99
C ASP B 47 -19.04 0.19 7.46
N TYR B 48 -18.30 -0.44 8.38
CA TYR B 48 -18.51 -0.22 9.80
C TYR B 48 -17.17 -0.33 10.54
N PRO B 49 -16.16 0.53 10.21
CA PRO B 49 -14.84 0.41 10.87
C PRO B 49 -14.79 0.71 12.35
N GLU B 50 -15.84 1.34 12.89
CA GLU B 50 -15.99 1.66 14.31
C GLU B 50 -16.01 0.39 15.18
N THR B 51 -16.52 -0.71 14.59
CA THR B 51 -16.71 -1.98 15.30
C THR B 51 -16.10 -3.19 14.59
N ILE B 52 -16.06 -3.16 13.25
CA ILE B 52 -15.62 -4.31 12.45
C ILE B 52 -14.29 -4.14 11.73
N THR B 53 -13.51 -5.21 11.69
CA THR B 53 -12.32 -5.30 10.85
C THR B 53 -12.68 -6.32 9.77
N ASP B 54 -12.49 -5.95 8.50
CA ASP B 54 -12.68 -6.86 7.37
C ASP B 54 -11.35 -7.51 7.00
N TYR B 55 -11.40 -8.81 6.65
CA TYR B 55 -10.22 -9.58 6.24
C TYR B 55 -10.37 -9.95 4.79
N VAL B 56 -9.37 -9.62 3.97
CA VAL B 56 -9.46 -9.81 2.54
C VAL B 56 -8.28 -10.60 1.97
N THR B 57 -8.58 -11.67 1.23
CA THR B 57 -7.52 -12.47 0.60
C THR B 57 -7.76 -12.59 -0.88
N LEU B 58 -6.73 -13.02 -1.61
CA LEU B 58 -6.90 -13.44 -2.99
C LEU B 58 -7.10 -14.95 -2.79
N GLN B 59 -8.36 -15.41 -2.85
CA GLN B 59 -8.65 -16.84 -2.59
C GLN B 59 -8.07 -17.67 -3.70
N ARG B 60 -8.26 -17.20 -4.94
CA ARG B 60 -7.72 -17.82 -6.14
C ARG B 60 -7.67 -16.94 -7.35
N GLY B 61 -6.69 -17.24 -8.19
CA GLY B 61 -6.47 -16.55 -9.45
C GLY B 61 -6.27 -17.60 -10.52
N SER B 62 -7.11 -17.54 -11.57
CA SER B 62 -7.08 -18.47 -12.69
C SER B 62 -6.70 -17.74 -13.97
N ALA B 63 -5.97 -18.40 -14.86
CA ALA B 63 -5.54 -17.82 -16.15
C ALA B 63 -6.37 -18.40 -17.28
N TYR B 64 -6.63 -17.57 -18.30
CA TYR B 64 -7.45 -17.93 -19.46
C TYR B 64 -6.83 -17.48 -20.76
N GLY B 65 -7.33 -18.04 -21.86
CA GLY B 65 -6.93 -17.70 -23.22
C GLY B 65 -5.43 -17.63 -23.41
N GLY B 66 -4.98 -16.49 -23.90
CA GLY B 66 -3.57 -16.27 -24.21
C GLY B 66 -2.63 -16.24 -23.02
N VAL B 67 -3.13 -15.80 -21.86
CA VAL B 67 -2.32 -15.77 -20.62
C VAL B 67 -2.00 -17.22 -20.17
N LEU B 68 -3.01 -18.10 -20.20
CA LEU B 68 -2.86 -19.52 -19.88
C LEU B 68 -1.90 -20.23 -20.86
N SER B 69 -2.06 -19.96 -22.17
CA SER B 69 -1.23 -20.64 -23.17
CA SER B 69 -1.25 -20.60 -23.23
C SER B 69 0.17 -20.07 -23.40
N ASN B 70 0.34 -18.75 -23.32
CA ASN B 70 1.60 -18.08 -23.67
C ASN B 70 2.45 -17.44 -22.59
N PHE B 71 2.01 -17.50 -21.34
CA PHE B 71 2.75 -16.83 -20.30
C PHE B 71 3.00 -17.68 -19.08
N SER B 72 4.07 -17.36 -18.37
CA SER B 72 4.49 -17.94 -17.09
C SER B 72 4.20 -16.82 -16.09
N GLY B 73 3.26 -17.07 -15.18
CA GLY B 73 2.80 -16.04 -14.26
C GLY B 73 3.20 -16.07 -12.81
N THR B 74 3.16 -14.90 -12.21
CA THR B 74 3.38 -14.66 -10.79
C THR B 74 2.33 -13.64 -10.38
N VAL B 75 1.77 -13.82 -9.19
CA VAL B 75 0.84 -12.84 -8.63
C VAL B 75 1.50 -12.20 -7.41
N LYS B 76 1.50 -10.85 -7.37
CA LYS B 76 2.01 -10.11 -6.22
C LYS B 76 0.80 -9.62 -5.43
N TYR B 77 0.68 -10.07 -4.17
CA TYR B 77 -0.41 -9.69 -3.29
C TYR B 77 0.16 -9.04 -2.05
N SER B 78 -0.15 -7.76 -1.85
CA SER B 78 0.31 -6.98 -0.70
C SER B 78 1.83 -7.14 -0.39
N GLY B 79 2.64 -7.07 -1.45
CA GLY B 79 4.10 -7.13 -1.34
C GLY B 79 4.75 -8.50 -1.35
N SER B 80 3.97 -9.59 -1.47
CA SER B 80 4.53 -10.95 -1.54
C SER B 80 4.14 -11.60 -2.84
N SER B 81 5.07 -12.39 -3.42
CA SER B 81 4.90 -13.06 -4.71
C SER B 81 4.50 -14.53 -4.59
N TYR B 82 3.60 -14.97 -5.48
CA TYR B 82 3.11 -16.35 -5.48
C TYR B 82 2.91 -16.84 -6.91
N PRO B 83 2.83 -18.17 -7.15
CA PRO B 83 2.55 -18.64 -8.52
C PRO B 83 1.17 -18.17 -8.98
N PHE B 84 1.04 -17.92 -10.28
CA PHE B 84 -0.21 -17.57 -10.93
C PHE B 84 -0.29 -18.37 -12.23
N PRO B 85 -1.34 -19.22 -12.49
CA PRO B 85 -2.49 -19.57 -11.61
C PRO B 85 -2.05 -20.00 -10.21
N THR B 86 -2.86 -19.62 -9.22
CA THR B 86 -2.61 -19.80 -7.81
C THR B 86 -2.72 -21.22 -7.31
N THR B 87 -1.95 -21.53 -6.28
CA THR B 87 -1.90 -22.87 -5.66
C THR B 87 -2.41 -22.87 -4.21
N SER B 88 -2.70 -21.69 -3.63
CA SER B 88 -3.24 -21.55 -2.26
C SER B 88 -3.81 -20.16 -2.06
N GLU B 89 -4.68 -20.02 -1.05
CA GLU B 89 -5.25 -18.73 -0.65
C GLU B 89 -4.11 -17.93 -0.01
N THR B 90 -4.04 -16.63 -0.33
CA THR B 90 -3.00 -15.77 0.21
C THR B 90 -3.27 -15.43 1.70
N PRO B 91 -2.30 -14.83 2.43
CA PRO B 91 -2.63 -14.27 3.75
C PRO B 91 -3.65 -13.12 3.59
N ARG B 92 -4.21 -12.67 4.69
CA ARG B 92 -5.19 -11.58 4.70
C ARG B 92 -4.59 -10.19 4.62
N VAL B 93 -5.35 -9.26 4.01
CA VAL B 93 -5.14 -7.81 4.02
C VAL B 93 -6.32 -7.27 4.86
N VAL B 94 -6.01 -6.40 5.82
CA VAL B 94 -7.02 -5.80 6.68
C VAL B 94 -7.61 -4.55 6.02
N TYR B 95 -8.94 -4.43 6.01
CA TYR B 95 -9.69 -3.25 5.58
C TYR B 95 -10.35 -2.70 6.83
N ASN B 96 -9.88 -1.54 7.27
CA ASN B 96 -10.32 -0.92 8.53
C ASN B 96 -10.75 0.54 8.33
N SER B 97 -11.10 0.90 7.10
CA SER B 97 -11.52 2.27 6.79
C SER B 97 -12.67 2.30 5.81
N ARG B 98 -13.50 3.35 5.92
CA ARG B 98 -14.62 3.64 5.03
C ARG B 98 -14.08 4.25 3.72
N THR B 99 -12.84 4.77 3.75
CA THR B 99 -12.18 5.35 2.56
C THR B 99 -11.77 4.21 1.62
N ASP B 100 -12.11 4.33 0.32
CA ASP B 100 -11.72 3.36 -0.73
C ASP B 100 -10.23 3.11 -0.71
N LYS B 101 -9.86 1.83 -0.68
CA LYS B 101 -8.45 1.44 -0.71
C LYS B 101 -8.21 0.45 -1.83
N PRO B 102 -7.10 0.57 -2.58
CA PRO B 102 -6.84 -0.39 -3.65
C PRO B 102 -6.79 -1.83 -3.15
N TRP B 103 -7.23 -2.79 -3.97
CA TRP B 103 -7.07 -4.22 -3.69
C TRP B 103 -5.64 -4.50 -4.24
N PRO B 104 -4.65 -4.83 -3.36
CA PRO B 104 -3.25 -4.84 -3.82
C PRO B 104 -2.79 -6.07 -4.60
N VAL B 105 -3.43 -6.31 -5.77
CA VAL B 105 -3.16 -7.44 -6.67
C VAL B 105 -2.49 -6.95 -7.98
N ALA B 106 -1.38 -7.58 -8.35
CA ALA B 106 -0.71 -7.31 -9.62
C ALA B 106 -0.26 -8.64 -10.22
N LEU B 107 -0.47 -8.82 -11.53
CA LEU B 107 -0.01 -10.02 -12.24
C LEU B 107 1.29 -9.67 -12.96
N TYR B 108 2.29 -10.56 -12.89
CA TYR B 108 3.59 -10.43 -13.56
C TYR B 108 3.68 -11.63 -14.49
N LEU B 109 3.50 -11.37 -15.79
CA LEU B 109 3.40 -12.39 -16.84
C LEU B 109 4.55 -12.28 -17.82
N THR B 110 5.36 -13.34 -17.90
CA THR B 110 6.51 -13.35 -18.82
C THR B 110 6.26 -14.38 -19.94
N PRO B 111 6.54 -14.05 -21.23
CA PRO B 111 6.27 -15.02 -22.29
C PRO B 111 7.06 -16.31 -22.14
N VAL B 112 6.38 -17.44 -22.45
CA VAL B 112 7.03 -18.74 -22.47
C VAL B 112 7.80 -18.80 -23.80
N SER B 113 8.77 -19.70 -23.93
CA SER B 113 9.60 -19.79 -25.14
C SER B 113 8.83 -20.01 -26.45
N SER B 114 7.70 -20.74 -26.39
CA SER B 114 6.85 -21.00 -27.54
C SER B 114 5.99 -19.78 -27.95
N ALA B 115 5.91 -18.74 -27.09
CA ALA B 115 5.11 -17.57 -27.41
C ALA B 115 5.77 -16.75 -28.56
N GLY B 116 4.93 -16.19 -29.39
CA GLY B 116 5.39 -15.43 -30.54
C GLY B 116 4.18 -15.05 -31.34
N GLY B 117 4.10 -13.80 -31.72
CA GLY B 117 2.95 -13.31 -32.44
C GLY B 117 1.92 -12.75 -31.48
N VAL B 118 0.63 -12.85 -31.83
CA VAL B 118 -0.46 -12.35 -31.02
C VAL B 118 -0.68 -13.31 -29.85
N ALA B 119 -0.04 -12.99 -28.70
CA ALA B 119 -0.05 -13.83 -27.51
C ALA B 119 -1.31 -13.64 -26.66
N ILE B 120 -1.94 -12.46 -26.75
CA ILE B 120 -3.22 -12.14 -26.06
C ILE B 120 -4.09 -11.43 -27.10
N LYS B 121 -5.32 -11.91 -27.29
CA LYS B 121 -6.25 -11.29 -28.24
C LYS B 121 -7.09 -10.20 -27.57
N ALA B 122 -7.32 -9.07 -28.28
CA ALA B 122 -8.16 -7.97 -27.80
C ALA B 122 -9.57 -8.49 -27.46
N GLY B 123 -10.08 -8.11 -26.31
CA GLY B 123 -11.40 -8.49 -25.84
C GLY B 123 -11.50 -9.84 -25.17
N SER B 124 -10.40 -10.61 -25.12
CA SER B 124 -10.47 -11.94 -24.50
C SER B 124 -10.37 -11.90 -22.99
N LEU B 125 -10.95 -12.94 -22.34
CA LEU B 125 -10.83 -13.14 -20.89
C LEU B 125 -9.39 -13.58 -20.64
N ILE B 126 -8.69 -12.91 -19.72
CA ILE B 126 -7.29 -13.25 -19.41
C ILE B 126 -7.14 -13.86 -18.02
N ALA B 127 -8.01 -13.43 -17.07
CA ALA B 127 -7.91 -13.91 -15.70
C ALA B 127 -9.23 -13.79 -14.97
N VAL B 128 -9.41 -14.62 -13.95
CA VAL B 128 -10.53 -14.56 -13.02
C VAL B 128 -9.89 -14.56 -11.64
N LEU B 129 -10.12 -13.48 -10.87
CA LEU B 129 -9.53 -13.33 -9.54
C LEU B 129 -10.61 -13.32 -8.50
N ILE B 130 -10.47 -14.19 -7.50
CA ILE B 130 -11.46 -14.33 -6.43
C ILE B 130 -11.02 -13.61 -5.17
N LEU B 131 -11.71 -12.52 -4.83
CA LEU B 131 -11.46 -11.77 -3.62
C LEU B 131 -12.38 -12.41 -2.57
N ARG B 132 -11.82 -12.90 -1.45
CA ARG B 132 -12.62 -13.50 -0.36
C ARG B 132 -12.60 -12.56 0.83
N GLN B 133 -13.80 -12.19 1.32
CA GLN B 133 -13.92 -11.29 2.45
C GLN B 133 -14.60 -11.95 3.63
N THR B 134 -13.94 -11.88 4.79
CA THR B 134 -14.48 -12.33 6.07
C THR B 134 -14.30 -11.16 7.04
N ASN B 135 -14.66 -11.35 8.32
CA ASN B 135 -14.54 -10.29 9.31
C ASN B 135 -14.33 -10.87 10.72
N ASN B 136 -14.21 -9.98 11.73
CA ASN B 136 -14.04 -10.36 13.14
C ASN B 136 -15.38 -10.11 13.88
N TYR B 137 -16.51 -10.09 13.13
CA TYR B 137 -17.81 -9.72 13.70
C TYR B 137 -18.85 -10.82 13.65
N ASN B 138 -19.06 -11.43 12.47
CA ASN B 138 -20.06 -12.48 12.29
C ASN B 138 -19.50 -13.60 11.41
N SER B 139 -20.39 -14.45 10.84
CA SER B 139 -20.03 -15.61 10.02
CA SER B 139 -20.03 -15.61 10.02
C SER B 139 -19.91 -15.32 8.52
N ASP B 140 -20.06 -14.04 8.09
CA ASP B 140 -19.96 -13.64 6.68
C ASP B 140 -18.68 -14.14 6.02
N ASP B 141 -18.86 -14.74 4.85
CA ASP B 141 -17.78 -15.29 4.05
C ASP B 141 -18.20 -15.12 2.60
N PHE B 142 -17.81 -14.01 2.00
CA PHE B 142 -18.26 -13.61 0.67
C PHE B 142 -17.20 -13.62 -0.39
N GLN B 143 -17.62 -13.87 -1.65
CA GLN B 143 -16.70 -13.87 -2.79
C GLN B 143 -17.03 -12.74 -3.75
N PHE B 144 -16.01 -11.94 -4.08
CA PHE B 144 -16.08 -10.83 -5.03
C PHE B 144 -15.25 -11.32 -6.21
N VAL B 145 -15.95 -11.69 -7.30
CA VAL B 145 -15.35 -12.32 -8.47
C VAL B 145 -15.03 -11.29 -9.56
N TRP B 146 -13.75 -11.13 -9.87
CA TRP B 146 -13.29 -10.16 -10.87
C TRP B 146 -12.88 -10.85 -12.15
N ASN B 147 -13.65 -10.65 -13.22
CA ASN B 147 -13.42 -11.20 -14.56
C ASN B 147 -12.60 -10.18 -15.34
N ILE B 148 -11.31 -10.50 -15.56
CA ILE B 148 -10.34 -9.60 -16.20
C ILE B 148 -10.27 -9.82 -17.72
N TYR B 149 -10.51 -8.75 -18.48
CA TYR B 149 -10.49 -8.78 -19.94
C TYR B 149 -9.44 -7.86 -20.52
N ALA B 150 -8.79 -8.31 -21.62
CA ALA B 150 -7.79 -7.51 -22.34
C ALA B 150 -8.50 -6.48 -23.22
N ASN B 151 -8.04 -5.21 -23.19
CA ASN B 151 -8.60 -4.19 -24.07
C ASN B 151 -7.98 -4.20 -25.45
N ASN B 152 -6.78 -4.80 -25.57
CA ASN B 152 -6.01 -4.79 -26.80
C ASN B 152 -5.21 -6.07 -26.99
N ASP B 153 -4.70 -6.26 -28.22
CA ASP B 153 -3.81 -7.36 -28.56
C ASP B 153 -2.48 -7.12 -27.87
N VAL B 154 -1.77 -8.22 -27.54
CA VAL B 154 -0.41 -8.17 -27.01
C VAL B 154 0.43 -9.00 -27.96
N VAL B 155 1.47 -8.39 -28.54
CA VAL B 155 2.35 -9.06 -29.48
C VAL B 155 3.65 -9.41 -28.78
N VAL B 156 4.11 -10.65 -28.96
CA VAL B 156 5.41 -11.09 -28.48
C VAL B 156 6.30 -11.18 -29.74
N PRO B 157 7.29 -10.29 -29.91
CA PRO B 157 8.13 -10.34 -31.12
C PRO B 157 8.85 -11.67 -31.32
N THR B 158 9.08 -12.02 -32.58
CA THR B 158 9.77 -13.27 -32.95
C THR B 158 11.18 -12.96 -33.50
#